data_9CSH
#
_entry.id   9CSH
#
_cell.length_a   72.006
_cell.length_b   89.664
_cell.length_c   137.460
_cell.angle_alpha   90.000
_cell.angle_beta   90.000
_cell.angle_gamma   90.000
#
_symmetry.space_group_name_H-M   'C 2 2 21'
#
loop_
_entity.id
_entity.type
_entity.pdbx_description
1 polymer 'Methyltransferase/Protease/Ubiquitinyl hydrolase'
2 polymer 'Ubiquitin Variant UbV3'
#
loop_
_entity_poly.entity_id
_entity_poly.type
_entity_poly.pdbx_seq_one_letter_code
_entity_poly.pdbx_strand_id
1 'polypeptide(L)'
;HHHHHHGSSQLLPAPLTNDPTAIGPVLPFEELHPRRYPENTATFLTRLRSLPSNHLPQPTLNCLLSAVSDQTKVSEEHLW
ESLQTILPDSQLSNEETNTLGLSTEHLTALAHLYNFQATVYSDRGPILFGPSDTIKRIDITHTTGPPSHFSPGKRLLGS
;
A,C
2 'polypeptide(L)'
;MAHHHHHHVTSLYKKAGSTDYKDDDDKMQILVRTPFVQFITLEVEPSDTIENVKAKIQEKEGIPPDQQRLIFAGKQLEDG
RTLSDYNIQKESTLHLVLRLRG(3CN)
;
B,D
#
loop_
_chem_comp.id
_chem_comp.type
_chem_comp.name
_chem_comp.formula
3CN non-polymer 3-AMINOPROPANE 'C3 H9 N'
#
# COMPACT_ATOMS: atom_id res chain seq x y z
N GLN A 10 8.78 -12.58 18.28
CA GLN A 10 7.87 -12.26 19.38
C GLN A 10 6.44 -11.99 18.91
N LEU A 11 6.27 -10.92 18.13
CA LEU A 11 5.01 -10.44 17.55
C LEU A 11 4.06 -9.91 18.62
N LEU A 12 4.39 -10.04 19.90
CA LEU A 12 3.58 -9.56 20.99
C LEU A 12 4.47 -9.32 22.20
N PRO A 13 4.88 -8.09 22.47
CA PRO A 13 5.71 -7.83 23.65
C PRO A 13 5.02 -8.30 24.92
N ALA A 14 5.67 -9.22 25.62
CA ALA A 14 5.08 -9.80 26.83
C ALA A 14 4.70 -8.77 27.89
N PRO A 15 5.51 -7.76 28.21
CA PRO A 15 5.08 -6.78 29.22
C PRO A 15 3.84 -5.99 28.82
N LEU A 16 3.50 -5.95 27.54
CA LEU A 16 2.30 -5.23 27.10
C LEU A 16 1.04 -5.85 27.70
N THR A 17 1.01 -7.18 27.84
CA THR A 17 -0.19 -7.86 28.33
C THR A 17 -0.54 -7.52 29.76
N ASN A 18 0.43 -7.06 30.55
CA ASN A 18 0.19 -6.62 31.92
C ASN A 18 0.78 -5.23 32.16
N ASP A 19 0.64 -4.36 31.18
CA ASP A 19 1.18 -3.01 31.29
C ASP A 19 0.17 -2.12 32.01
N PRO A 20 0.52 -1.54 33.16
CA PRO A 20 -0.45 -0.68 33.87
C PRO A 20 -0.85 0.57 33.09
N THR A 21 -0.06 0.98 32.10
CA THR A 21 -0.37 2.16 31.32
C THR A 21 -1.24 1.87 30.10
N ALA A 22 -1.66 0.62 29.92
CA ALA A 22 -2.47 0.22 28.76
C ALA A 22 -3.78 -0.39 29.22
N ILE A 23 -4.83 -0.18 28.42
CA ILE A 23 -6.14 -0.76 28.66
C ILE A 23 -6.65 -1.35 27.35
N GLY A 24 -7.69 -2.19 27.47
CA GLY A 24 -8.31 -2.80 26.32
C GLY A 24 -7.57 -4.03 25.83
N PRO A 25 -8.07 -4.64 24.77
CA PRO A 25 -7.44 -5.86 24.25
C PRO A 25 -6.20 -5.54 23.43
N VAL A 26 -5.41 -6.59 23.18
CA VAL A 26 -4.23 -6.48 22.33
C VAL A 26 -4.70 -6.56 20.88
N LEU A 27 -4.67 -5.43 20.17
CA LEU A 27 -5.10 -5.34 18.80
C LEU A 27 -3.98 -4.71 17.96
N PRO A 28 -3.97 -4.97 16.66
CA PRO A 28 -2.98 -4.33 15.79
C PRO A 28 -3.16 -2.83 15.78
N PHE A 29 -2.04 -2.12 15.56
CA PHE A 29 -2.04 -0.66 15.62
C PHE A 29 -3.06 -0.06 14.66
N GLU A 30 -3.25 -0.69 13.49
CA GLU A 30 -4.16 -0.13 12.49
C GLU A 30 -5.62 -0.28 12.87
N GLU A 31 -5.95 -1.18 13.80
CA GLU A 31 -7.32 -1.30 14.27
C GLU A 31 -7.64 -0.32 15.39
N LEU A 32 -6.67 0.01 16.24
CA LEU A 32 -6.90 0.97 17.31
C LEU A 32 -6.78 2.41 16.80
N HIS A 33 -5.97 2.65 15.78
CA HIS A 33 -5.77 3.98 15.20
C HIS A 33 -5.86 3.85 13.68
N PRO A 34 -7.07 3.79 13.13
CA PRO A 34 -7.23 3.52 11.69
C PRO A 34 -6.74 4.69 10.84
N ARG A 35 -5.81 4.40 9.92
CA ARG A 35 -5.34 5.35 8.94
C ARG A 35 -5.07 4.61 7.64
N ARG A 36 -4.60 5.35 6.63
CA ARG A 36 -4.24 4.77 5.34
C ARG A 36 -2.77 4.34 5.35
N TYR A 37 -2.43 3.44 6.27
CA TYR A 37 -1.08 2.97 6.38
C TYR A 37 -0.68 2.13 5.17
N PRO A 38 0.60 2.08 4.84
CA PRO A 38 1.07 1.08 3.87
C PRO A 38 0.76 -0.32 4.40
N GLU A 39 0.45 -1.22 3.48
CA GLU A 39 -0.10 -2.52 3.84
C GLU A 39 0.78 -3.24 4.85
N ASN A 40 0.17 -3.62 5.98
CA ASN A 40 0.76 -4.41 7.04
C ASN A 40 1.91 -3.71 7.76
N THR A 41 2.14 -2.43 7.49
CA THR A 41 3.18 -1.71 8.24
C THR A 41 2.72 -1.32 9.63
N ALA A 42 1.42 -1.29 9.87
CA ALA A 42 0.85 -0.93 11.17
C ALA A 42 0.06 -2.08 11.76
N THR A 43 0.37 -3.32 11.37
CA THR A 43 -0.32 -4.49 11.89
C THR A 43 0.29 -4.99 13.19
N PHE A 44 1.37 -4.38 13.66
CA PHE A 44 1.99 -4.82 14.91
C PHE A 44 1.03 -4.63 16.08
N LEU A 45 1.04 -5.60 17.00
CA LEU A 45 0.11 -5.59 18.11
C LEU A 45 0.46 -4.51 19.13
N THR A 46 -0.56 -3.90 19.72
CA THR A 46 -0.39 -2.87 20.72
C THR A 46 -1.67 -2.78 21.55
N ARG A 47 -1.71 -1.80 22.45
CA ARG A 47 -2.88 -1.51 23.25
C ARG A 47 -3.03 -0.01 23.39
N LEU A 48 -4.24 0.44 23.72
CA LEU A 48 -4.50 1.86 23.88
C LEU A 48 -3.89 2.39 25.16
N ARG A 49 -3.27 3.57 25.07
CA ARG A 49 -2.68 4.20 26.23
C ARG A 49 -3.77 4.67 27.20
N SER A 50 -3.62 4.31 28.47
CA SER A 50 -4.61 4.65 29.50
C SER A 50 -4.19 5.86 30.33
N LEU A 51 -3.04 5.77 30.98
CA LEU A 51 -2.56 6.83 31.84
C LEU A 51 -1.91 7.93 31.02
N PRO A 52 -1.85 9.15 31.56
CA PRO A 52 -1.12 10.23 30.87
C PRO A 52 0.38 9.97 30.85
N SER A 53 1.13 10.83 30.16
CA SER A 53 2.56 10.61 29.99
C SER A 53 3.26 10.62 31.35
N ASN A 54 4.17 9.67 31.52
CA ASN A 54 5.02 9.61 32.71
C ASN A 54 6.32 10.38 32.54
N HIS A 55 6.48 11.08 31.40
CA HIS A 55 7.67 11.89 31.13
C HIS A 55 8.94 11.05 31.20
N LEU A 56 8.93 9.94 30.46
CA LEU A 56 10.09 9.06 30.44
C LEU A 56 11.30 9.78 29.85
N PRO A 57 12.50 9.47 30.35
CA PRO A 57 13.70 10.08 29.77
C PRO A 57 13.87 9.68 28.31
N GLN A 58 14.46 10.57 27.54
CA GLN A 58 14.73 10.30 26.14
C GLN A 58 15.67 9.10 26.02
N PRO A 59 15.40 8.18 25.10
CA PRO A 59 16.30 7.02 24.93
C PRO A 59 17.71 7.45 24.56
N THR A 60 18.70 6.70 25.06
CA THR A 60 20.09 6.98 24.74
C THR A 60 20.35 6.84 23.25
N LEU A 61 19.81 5.79 22.63
CA LEU A 61 19.90 5.58 21.19
C LEU A 61 18.69 6.22 20.55
N ASN A 62 18.82 7.50 20.20
CA ASN A 62 17.72 8.33 19.75
C ASN A 62 17.97 8.90 18.35
N CYS A 63 18.62 8.13 17.48
CA CYS A 63 18.83 8.61 16.12
C CYS A 63 17.52 8.75 15.37
N LEU A 64 16.55 7.88 15.64
CA LEU A 64 15.24 7.97 14.99
C LEU A 64 14.56 9.31 15.32
N LEU A 65 14.59 9.70 16.59
CA LEU A 65 14.05 11.00 16.96
C LEU A 65 14.86 12.12 16.31
N SER A 66 16.19 11.97 16.29
CA SER A 66 17.04 12.96 15.63
C SER A 66 16.75 13.05 14.13
N ALA A 67 16.57 11.90 13.48
CA ALA A 67 16.29 11.91 12.05
C ALA A 67 14.94 12.56 11.76
N VAL A 68 13.91 12.24 12.55
CA VAL A 68 12.59 12.84 12.35
C VAL A 68 12.63 14.32 12.71
N SER A 69 13.38 14.68 13.76
CA SER A 69 13.45 16.08 14.15
C SER A 69 14.08 16.94 13.06
N ASP A 70 15.13 16.43 12.42
CA ASP A 70 15.77 17.18 11.33
C ASP A 70 14.79 17.40 10.18
N GLN A 71 14.01 16.38 9.83
CA GLN A 71 13.13 16.47 8.68
C GLN A 71 11.88 17.30 8.96
N THR A 72 11.35 17.26 10.18
CA THR A 72 10.09 17.91 10.49
C THR A 72 10.23 19.19 11.29
N LYS A 73 11.44 19.55 11.71
CA LYS A 73 11.69 20.72 12.56
C LYS A 73 10.89 20.68 13.86
N VAL A 74 10.68 19.49 14.40
CA VAL A 74 10.01 19.29 15.68
C VAL A 74 11.04 18.74 16.65
N SER A 75 11.17 19.38 17.81
CA SER A 75 12.20 18.96 18.76
C SER A 75 11.97 17.52 19.20
N GLU A 76 13.08 16.81 19.42
CA GLU A 76 13.00 15.41 19.83
C GLU A 76 12.22 15.25 21.13
N GLU A 77 12.26 16.26 22.00
CA GLU A 77 11.49 16.21 23.23
C GLU A 77 10.00 16.15 22.95
N HIS A 78 9.53 16.98 21.99
CA HIS A 78 8.11 16.96 21.65
C HIS A 78 7.73 15.67 20.94
N LEU A 79 8.62 15.14 20.09
CA LEU A 79 8.35 13.86 19.45
C LEU A 79 8.24 12.75 20.48
N TRP A 80 9.15 12.74 21.46
CA TRP A 80 9.12 11.69 22.48
C TRP A 80 7.90 11.80 23.37
N GLU A 81 7.49 13.04 23.71
CA GLU A 81 6.28 13.22 24.50
C GLU A 81 5.04 12.78 23.73
N SER A 82 5.01 13.03 22.41
CA SER A 82 3.88 12.62 21.61
C SER A 82 3.72 11.10 21.61
N LEU A 83 4.83 10.37 21.55
CA LEU A 83 4.77 8.91 21.60
C LEU A 83 4.19 8.42 22.92
N GLN A 84 4.51 9.12 24.02
CA GLN A 84 4.02 8.69 25.33
C GLN A 84 2.53 8.91 25.51
N THR A 85 1.88 9.68 24.63
CA THR A 85 0.43 9.81 24.67
C THR A 85 -0.28 8.74 23.87
N ILE A 86 0.38 8.14 22.89
CA ILE A 86 -0.25 7.19 21.98
C ILE A 86 0.10 5.74 22.32
N LEU A 87 1.33 5.49 22.76
CA LEU A 87 1.78 4.13 23.05
C LEU A 87 1.99 3.93 24.55
N PRO A 88 1.72 2.74 25.06
CA PRO A 88 2.01 2.45 26.48
C PRO A 88 3.52 2.38 26.73
N ASP A 89 3.88 2.54 28.01
CA ASP A 89 5.29 2.60 28.38
C ASP A 89 6.03 1.32 28.03
N SER A 90 5.35 0.18 28.02
CA SER A 90 6.02 -1.08 27.74
C SER A 90 6.58 -1.15 26.32
N GLN A 91 6.09 -0.32 25.41
CA GLN A 91 6.59 -0.26 24.05
C GLN A 91 7.44 0.97 23.79
N LEU A 92 7.84 1.68 24.84
CA LEU A 92 8.65 2.89 24.71
C LEU A 92 10.01 2.78 25.39
N SER A 93 10.11 2.06 26.51
CA SER A 93 11.39 1.85 27.18
C SER A 93 11.38 0.42 27.72
N ASN A 94 12.02 -0.49 26.99
CA ASN A 94 12.07 -1.90 27.36
C ASN A 94 13.47 -2.41 27.02
N GLU A 95 13.63 -3.73 26.98
CA GLU A 95 14.94 -4.30 26.69
C GLU A 95 15.47 -3.83 25.34
N GLU A 96 14.65 -3.96 24.29
CA GLU A 96 15.13 -3.62 22.95
C GLU A 96 15.41 -2.13 22.81
N THR A 97 14.66 -1.28 23.51
CA THR A 97 14.93 0.14 23.50
C THR A 97 16.31 0.46 24.08
N ASN A 98 16.65 -0.19 25.20
CA ASN A 98 17.91 0.12 25.87
C ASN A 98 19.12 -0.36 25.07
N THR A 99 19.00 -1.51 24.42
CA THR A 99 20.14 -2.10 23.72
C THR A 99 20.19 -1.79 22.24
N LEU A 100 19.04 -1.73 21.56
CA LEU A 100 19.01 -1.47 20.12
C LEU A 100 18.43 -0.11 19.74
N GLY A 101 17.52 0.43 20.54
CA GLY A 101 16.95 1.72 20.26
C GLY A 101 15.52 1.63 19.75
N LEU A 102 15.11 2.69 19.05
CA LEU A 102 13.74 2.78 18.54
C LEU A 102 13.62 2.05 17.21
N SER A 103 12.38 1.66 16.89
CA SER A 103 12.09 0.88 15.69
C SER A 103 11.21 1.70 14.75
N THR A 104 11.03 1.17 13.54
CA THR A 104 10.17 1.81 12.56
C THR A 104 8.71 1.82 13.00
N GLU A 105 8.34 0.94 13.93
CA GLU A 105 6.99 0.98 14.48
C GLU A 105 6.75 2.28 15.25
N HIS A 106 7.78 2.76 15.95
CA HIS A 106 7.69 4.09 16.54
C HIS A 106 7.57 5.15 15.46
N LEU A 107 8.27 4.97 14.34
CA LEU A 107 8.16 5.91 13.23
C LEU A 107 6.74 5.95 12.67
N THR A 108 6.09 4.79 12.58
CA THR A 108 4.68 4.75 12.16
C THR A 108 3.80 5.52 13.13
N ALA A 109 4.03 5.36 14.44
CA ALA A 109 3.27 6.11 15.43
C ALA A 109 3.52 7.61 15.30
N LEU A 110 4.78 8.00 15.11
CA LEU A 110 5.10 9.41 14.91
C LEU A 110 4.47 9.95 13.63
N ALA A 111 4.45 9.12 12.58
CA ALA A 111 3.82 9.53 11.32
C ALA A 111 2.33 9.75 11.49
N HIS A 112 1.66 8.87 12.26
CA HIS A 112 0.25 9.07 12.55
C HIS A 112 0.02 10.34 13.36
N LEU A 113 0.86 10.59 14.37
CA LEU A 113 0.66 11.73 15.26
C LEU A 113 0.85 13.06 14.53
N TYR A 114 1.79 13.10 13.58
CA TYR A 114 2.15 14.35 12.91
C TYR A 114 1.73 14.40 11.45
N ASN A 115 1.03 13.37 10.95
CA ASN A 115 0.46 13.37 9.61
C ASN A 115 1.53 13.57 8.53
N PHE A 116 2.44 12.60 8.45
CA PHE A 116 3.42 12.54 7.37
C PHE A 116 3.65 11.09 6.99
N GLN A 117 4.18 10.90 5.78
CA GLN A 117 4.63 9.59 5.33
C GLN A 117 6.14 9.62 5.15
N ALA A 118 6.82 8.66 5.76
CA ALA A 118 8.27 8.61 5.76
C ALA A 118 8.76 7.55 4.78
N THR A 119 9.73 7.92 3.94
CA THR A 119 10.39 6.98 3.04
C THR A 119 11.73 6.60 3.67
N VAL A 120 11.89 5.31 3.96
CA VAL A 120 13.10 4.82 4.60
C VAL A 120 13.96 4.15 3.54
N TYR A 121 15.14 4.73 3.28
CA TYR A 121 16.09 4.18 2.32
C TYR A 121 17.00 3.21 3.06
N SER A 122 16.56 1.95 3.14
CA SER A 122 17.33 0.92 3.80
C SER A 122 18.43 0.42 2.87
N ASP A 123 19.23 -0.53 3.38
CA ASP A 123 20.36 -1.04 2.61
C ASP A 123 19.94 -1.84 1.38
N ARG A 124 18.67 -2.22 1.28
CA ARG A 124 18.19 -3.05 0.18
C ARG A 124 17.05 -2.42 -0.61
N GLY A 125 16.76 -1.15 -0.38
CA GLY A 125 15.72 -0.46 -1.12
C GLY A 125 14.88 0.45 -0.26
N PRO A 126 14.09 1.31 -0.91
CA PRO A 126 13.25 2.25 -0.16
C PRO A 126 11.96 1.61 0.33
N ILE A 127 11.52 2.06 1.51
CA ILE A 127 10.36 1.49 2.19
C ILE A 127 9.56 2.63 2.81
N LEU A 128 8.24 2.53 2.75
CA LEU A 128 7.34 3.57 3.19
C LEU A 128 6.68 3.21 4.53
N PHE A 129 6.59 4.21 5.41
CA PHE A 129 5.87 4.09 6.68
C PHE A 129 5.03 5.35 6.87
N GLY A 130 3.83 5.17 7.41
CA GLY A 130 2.98 6.28 7.74
C GLY A 130 1.80 6.45 6.79
N PRO A 131 0.74 7.09 7.28
CA PRO A 131 -0.50 7.19 6.49
C PRO A 131 -0.26 7.92 5.17
N SER A 132 -0.90 7.42 4.11
CA SER A 132 -0.75 8.02 2.79
C SER A 132 -1.68 9.21 2.59
N ASP A 133 -2.70 9.38 3.42
CA ASP A 133 -3.57 10.53 3.33
C ASP A 133 -2.95 11.72 4.05
N THR A 134 -1.70 12.03 3.71
CA THR A 134 -0.95 13.11 4.32
C THR A 134 -0.21 13.87 3.23
N ILE A 135 0.30 15.04 3.58
CA ILE A 135 1.00 15.91 2.66
C ILE A 135 2.49 15.95 2.94
N LYS A 136 2.87 16.12 4.21
CA LYS A 136 4.28 16.21 4.57
C LYS A 136 5.00 14.91 4.24
N ARG A 137 6.16 15.03 3.61
CA ARG A 137 6.97 13.88 3.21
C ARG A 137 8.38 14.07 3.71
N ILE A 138 8.94 13.02 4.31
CA ILE A 138 10.29 13.06 4.85
C ILE A 138 11.07 11.86 4.34
N ASP A 139 12.39 11.97 4.39
CA ASP A 139 13.29 10.90 3.96
C ASP A 139 14.22 10.54 5.11
N ILE A 140 14.33 9.24 5.37
CA ILE A 140 15.17 8.71 6.44
C ILE A 140 16.00 7.57 5.88
N THR A 141 17.29 7.57 6.20
CA THR A 141 18.21 6.52 5.77
C THR A 141 18.44 5.56 6.92
N HIS A 142 18.38 4.26 6.64
CA HIS A 142 18.67 3.23 7.62
C HIS A 142 19.82 2.36 7.13
N THR A 143 20.74 2.07 8.05
CA THR A 143 21.89 1.21 7.78
C THR A 143 21.84 0.02 8.73
N THR A 144 21.94 -1.19 8.18
CA THR A 144 21.93 -2.39 9.02
C THR A 144 23.13 -2.42 9.95
N GLY A 145 24.30 -2.02 9.47
CA GLY A 145 25.50 -2.03 10.26
C GLY A 145 26.11 -3.43 10.32
N PRO A 146 26.14 -4.03 11.51
CA PRO A 146 25.74 -3.47 12.81
C PRO A 146 26.79 -2.50 13.36
N PRO A 147 26.40 -1.59 14.25
CA PRO A 147 25.06 -1.37 14.79
C PRO A 147 24.16 -0.61 13.82
N SER A 148 22.84 -0.76 13.95
CA SER A 148 21.91 -0.07 13.09
C SER A 148 21.87 1.42 13.44
N HIS A 149 21.63 2.24 12.41
CA HIS A 149 21.58 3.68 12.60
C HIS A 149 20.51 4.29 11.69
N PHE A 150 19.80 5.28 12.21
CA PHE A 150 18.87 6.10 11.44
C PHE A 150 19.50 7.47 11.21
N SER A 151 19.39 7.96 9.98
CA SER A 151 19.92 9.28 9.63
C SER A 151 18.94 9.98 8.70
N PRO A 152 18.90 11.31 8.74
CA PRO A 152 18.04 12.05 7.82
C PRO A 152 18.56 12.00 6.39
N GLY A 153 17.64 12.21 5.45
CA GLY A 153 18.01 12.26 4.04
C GLY A 153 17.98 10.92 3.36
N LYS A 154 18.36 10.95 2.09
CA LYS A 154 18.34 9.76 1.24
C LYS A 154 19.65 8.97 1.36
N MET B 28 13.85 22.18 -12.76
CA MET B 28 13.97 21.43 -11.51
C MET B 28 14.05 19.93 -11.77
N GLN B 29 13.87 19.14 -10.70
CA GLN B 29 13.88 17.70 -10.81
C GLN B 29 12.90 17.13 -9.80
N ILE B 30 12.02 16.25 -10.27
CA ILE B 30 10.98 15.67 -9.42
C ILE B 30 11.14 14.15 -9.38
N LEU B 31 10.49 13.55 -8.40
CA LEU B 31 10.55 12.11 -8.17
C LEU B 31 9.17 11.51 -8.39
N VAL B 32 9.12 10.36 -9.06
CA VAL B 32 7.87 9.67 -9.36
C VAL B 32 7.94 8.27 -8.81
N ARG B 33 6.95 7.89 -8.01
CA ARG B 33 6.87 6.56 -7.42
C ARG B 33 5.96 5.68 -8.28
N THR B 34 6.54 4.65 -8.88
CA THR B 34 5.79 3.71 -9.69
C THR B 34 5.06 2.69 -8.80
N PRO B 35 3.95 2.14 -9.28
CA PRO B 35 3.20 1.15 -8.49
C PRO B 35 3.63 -0.29 -8.69
N PHE B 36 4.76 -0.54 -9.35
CA PHE B 36 5.15 -1.91 -9.67
C PHE B 36 5.63 -2.65 -8.42
N VAL B 37 5.36 -3.95 -8.40
CA VAL B 37 5.58 -4.80 -7.24
C VAL B 37 6.67 -5.80 -7.56
N GLN B 38 7.58 -6.01 -6.61
CA GLN B 38 8.66 -6.98 -6.74
C GLN B 38 8.33 -8.24 -5.97
N PHE B 39 8.58 -9.38 -6.60
CA PHE B 39 8.34 -10.70 -6.01
C PHE B 39 9.64 -11.47 -5.88
N ILE B 40 9.70 -12.32 -4.86
CA ILE B 40 10.85 -13.18 -4.61
C ILE B 40 10.36 -14.62 -4.56
N THR B 41 11.03 -15.49 -5.32
CA THR B 41 10.67 -16.90 -5.41
C THR B 41 11.55 -17.71 -4.47
N LEU B 42 10.93 -18.62 -3.73
CA LEU B 42 11.63 -19.45 -2.75
C LEU B 42 11.28 -20.92 -2.97
N GLU B 43 12.29 -21.77 -2.81
CA GLU B 43 12.10 -23.22 -2.82
C GLU B 43 11.97 -23.69 -1.37
N VAL B 44 10.78 -24.17 -1.01
CA VAL B 44 10.48 -24.54 0.36
C VAL B 44 9.77 -25.90 0.37
N GLU B 45 9.70 -26.48 1.56
CA GLU B 45 8.97 -27.71 1.85
C GLU B 45 7.84 -27.42 2.83
N PRO B 46 6.77 -28.22 2.81
CA PRO B 46 5.64 -27.95 3.72
C PRO B 46 6.02 -27.96 5.19
N SER B 47 7.07 -28.71 5.56
CA SER B 47 7.49 -28.81 6.96
C SER B 47 8.47 -27.72 7.36
N ASP B 48 8.84 -26.82 6.47
CA ASP B 48 9.78 -25.76 6.80
C ASP B 48 9.20 -24.81 7.84
N THR B 49 10.01 -24.47 8.83
CA THR B 49 9.60 -23.50 9.84
C THR B 49 9.70 -22.08 9.27
N ILE B 50 8.98 -21.16 9.92
CA ILE B 50 9.01 -19.77 9.48
C ILE B 50 10.39 -19.17 9.65
N GLU B 51 11.12 -19.58 10.69
CA GLU B 51 12.52 -19.17 10.83
C GLU B 51 13.32 -19.62 9.62
N ASN B 52 13.09 -20.84 9.15
CA ASN B 52 13.79 -21.32 7.96
C ASN B 52 13.40 -20.51 6.73
N VAL B 53 12.12 -20.12 6.63
CA VAL B 53 11.68 -19.31 5.50
C VAL B 53 12.39 -17.96 5.49
N LYS B 54 12.49 -17.32 6.66
CA LYS B 54 13.20 -16.05 6.74
C LYS B 54 14.69 -16.23 6.42
N ALA B 55 15.27 -17.37 6.79
CA ALA B 55 16.69 -17.65 6.50
C ALA B 55 16.91 -17.78 5.00
N LYS B 56 15.95 -18.35 4.29
CA LYS B 56 16.03 -18.48 2.82
C LYS B 56 15.90 -17.10 2.15
N ILE B 57 15.15 -16.18 2.76
CA ILE B 57 15.00 -14.80 2.22
C ILE B 57 16.30 -14.02 2.42
N GLN B 58 17.02 -14.27 3.51
CA GLN B 58 18.32 -13.63 3.75
C GLN B 58 19.29 -14.05 2.66
N GLU B 59 19.25 -15.31 2.28
CA GLU B 59 20.19 -15.87 1.28
C GLU B 59 19.83 -15.40 -0.13
N LYS B 60 18.65 -14.82 -0.32
CA LYS B 60 18.21 -14.40 -1.67
C LYS B 60 18.23 -12.87 -1.78
N GLU B 61 18.05 -12.18 -0.68
CA GLU B 61 17.95 -10.69 -0.74
C GLU B 61 18.97 -10.06 0.19
N GLY B 62 19.35 -10.72 1.28
CA GLY B 62 20.26 -10.14 2.26
C GLY B 62 19.55 -9.41 3.38
N ILE B 63 18.31 -9.78 3.68
CA ILE B 63 17.61 -9.15 4.79
C ILE B 63 17.82 -10.00 6.04
N PRO B 64 18.32 -9.43 7.13
CA PRO B 64 18.45 -10.18 8.38
C PRO B 64 17.10 -10.66 8.88
N PRO B 65 17.02 -11.87 9.43
CA PRO B 65 15.74 -12.38 9.92
C PRO B 65 15.14 -11.54 11.05
N ASP B 66 15.95 -10.80 11.81
CA ASP B 66 15.40 -9.98 12.89
C ASP B 66 14.43 -8.93 12.36
N GLN B 67 14.77 -8.29 11.25
CA GLN B 67 13.95 -7.22 10.71
C GLN B 67 12.94 -7.71 9.67
N GLN B 68 12.55 -8.98 9.74
CA GLN B 68 11.57 -9.55 8.82
C GLN B 68 10.25 -9.79 9.53
N ARG B 69 9.14 -9.46 8.85
CA ARG B 69 7.80 -9.78 9.33
C ARG B 69 7.01 -10.31 8.15
N LEU B 70 6.58 -11.57 8.25
CA LEU B 70 5.84 -12.24 7.18
C LEU B 70 4.37 -12.32 7.56
N ILE B 71 3.50 -11.97 6.61
CA ILE B 71 2.06 -12.00 6.82
C ILE B 71 1.43 -12.83 5.71
N PHE B 72 0.53 -13.75 6.09
CA PHE B 72 -0.25 -14.51 5.13
C PHE B 72 -1.68 -14.62 5.64
N ALA B 73 -2.64 -14.35 4.75
CA ALA B 73 -4.07 -14.38 5.08
C ALA B 73 -4.38 -13.43 6.24
N GLY B 74 -3.71 -12.29 6.26
CA GLY B 74 -4.02 -11.24 7.22
C GLY B 74 -3.47 -11.43 8.62
N LYS B 75 -2.75 -12.53 8.88
CA LYS B 75 -2.21 -12.80 10.20
C LYS B 75 -0.70 -12.92 10.13
N GLN B 76 -0.02 -12.42 11.16
CA GLN B 76 1.43 -12.46 11.22
C GLN B 76 1.90 -13.87 11.53
N LEU B 77 2.90 -14.35 10.78
CA LEU B 77 3.36 -15.72 10.91
C LEU B 77 4.38 -15.83 12.04
N GLU B 78 4.13 -16.76 12.96
CA GLU B 78 5.03 -16.96 14.09
C GLU B 78 6.20 -17.84 13.68
N ASP B 79 7.38 -17.55 14.24
CA ASP B 79 8.61 -18.21 13.82
C ASP B 79 8.55 -19.72 14.08
N GLY B 80 8.01 -20.12 15.23
CA GLY B 80 8.01 -21.52 15.61
C GLY B 80 7.02 -22.40 14.87
N ARG B 81 6.25 -21.84 13.95
CA ARG B 81 5.27 -22.59 13.18
C ARG B 81 5.82 -22.94 11.80
N THR B 82 5.17 -23.89 11.15
CA THR B 82 5.56 -24.34 9.83
C THR B 82 4.59 -23.81 8.78
N LEU B 83 5.01 -23.92 7.52
CA LEU B 83 4.14 -23.53 6.42
C LEU B 83 2.86 -24.36 6.39
N SER B 84 2.94 -25.63 6.78
CA SER B 84 1.74 -26.46 6.82
C SER B 84 0.77 -26.00 7.91
N ASP B 85 1.28 -25.45 9.01
CA ASP B 85 0.42 -24.96 10.08
C ASP B 85 -0.50 -23.85 9.57
N TYR B 86 0.00 -22.99 8.70
CA TYR B 86 -0.79 -21.93 8.11
C TYR B 86 -1.48 -22.34 6.82
N ASN B 87 -1.36 -23.62 6.44
CA ASN B 87 -1.99 -24.16 5.23
C ASN B 87 -1.52 -23.41 3.98
N ILE B 88 -0.22 -23.10 3.93
CA ILE B 88 0.35 -22.37 2.81
C ILE B 88 0.64 -23.40 1.71
N GLN B 89 -0.21 -23.41 0.68
CA GLN B 89 -0.04 -24.35 -0.42
C GLN B 89 0.99 -23.81 -1.42
N LYS B 90 1.29 -24.62 -2.43
CA LYS B 90 2.24 -24.22 -3.45
C LYS B 90 1.70 -23.04 -4.24
N GLU B 91 2.62 -22.21 -4.72
CA GLU B 91 2.36 -20.97 -5.47
C GLU B 91 1.69 -19.89 -4.63
N SER B 92 1.56 -20.10 -3.32
CA SER B 92 1.02 -19.05 -2.46
C SER B 92 2.02 -17.91 -2.31
N THR B 93 1.49 -16.73 -2.00
CA THR B 93 2.29 -15.53 -1.88
C THR B 93 2.26 -15.04 -0.43
N LEU B 94 3.44 -14.71 0.10
CA LEU B 94 3.58 -14.13 1.42
C LEU B 94 4.00 -12.68 1.29
N HIS B 95 3.48 -11.82 2.17
CA HIS B 95 3.85 -10.41 2.17
C HIS B 95 4.95 -10.18 3.19
N LEU B 96 6.00 -9.49 2.76
CA LEU B 96 7.14 -9.18 3.61
C LEU B 96 7.08 -7.73 4.06
N VAL B 97 7.25 -7.50 5.36
CA VAL B 97 7.31 -6.17 5.95
C VAL B 97 8.57 -6.09 6.79
N LEU B 98 9.32 -5.00 6.63
CA LEU B 98 10.57 -4.82 7.37
C LEU B 98 10.31 -4.03 8.65
N ARG B 99 10.90 -4.51 9.74
CA ARG B 99 10.84 -3.84 11.05
C ARG B 99 12.27 -3.44 11.41
N LEU B 100 12.66 -2.22 11.05
CA LEU B 100 14.01 -1.74 11.24
C LEU B 100 14.14 -0.99 12.56
N ARG B 101 15.15 -1.35 13.35
CA ARG B 101 15.48 -0.64 14.57
C ARG B 101 16.80 0.09 14.39
N GLY B 102 17.14 0.90 15.39
CA GLY B 102 18.36 1.67 15.33
C GLY B 102 18.20 2.95 16.11
CA 3CN B 103 21.29 5.75 16.41
CB 3CN B 103 20.71 5.18 17.70
CC 3CN B 103 19.31 4.60 17.51
ND 3CN B 103 19.30 3.37 16.73
N ALA C 14 -19.44 15.73 -17.05
CA ALA C 14 -19.40 14.27 -17.01
C ALA C 14 -20.80 13.69 -17.02
N PRO C 15 -20.98 12.55 -17.71
CA PRO C 15 -22.30 11.91 -17.75
C PRO C 15 -22.82 11.49 -16.38
N LEU C 16 -21.93 11.09 -15.46
CA LEU C 16 -22.40 10.64 -14.15
C LEU C 16 -22.89 11.80 -13.29
N THR C 17 -22.54 13.05 -13.66
CA THR C 17 -23.11 14.19 -12.96
C THR C 17 -24.61 14.29 -13.18
N ASN C 18 -25.08 13.85 -14.34
CA ASN C 18 -26.50 13.86 -14.69
C ASN C 18 -27.03 12.44 -14.89
N ASP C 19 -26.43 11.47 -14.22
CA ASP C 19 -26.85 10.08 -14.35
C ASP C 19 -28.10 9.83 -13.52
N PRO C 20 -29.21 9.39 -14.13
CA PRO C 20 -30.43 9.15 -13.34
C PRO C 20 -30.26 8.08 -12.28
N THR C 21 -29.38 7.11 -12.48
CA THR C 21 -29.20 5.99 -11.56
C THR C 21 -28.22 6.31 -10.44
N ALA C 22 -27.80 7.56 -10.30
CA ALA C 22 -26.88 7.97 -9.26
C ALA C 22 -27.52 9.03 -8.37
N ILE C 23 -27.12 9.05 -7.11
CA ILE C 23 -27.58 10.04 -6.15
C ILE C 23 -26.39 10.52 -5.34
N GLY C 24 -26.51 11.71 -4.76
CA GLY C 24 -25.46 12.27 -3.93
C GLY C 24 -24.37 12.96 -4.73
N PRO C 25 -23.39 13.51 -4.02
CA PRO C 25 -22.30 14.22 -4.70
C PRO C 25 -21.27 13.26 -5.26
N VAL C 26 -20.42 13.81 -6.13
CA VAL C 26 -19.33 13.03 -6.72
C VAL C 26 -18.20 12.93 -5.70
N LEU C 27 -17.87 11.70 -5.31
CA LEU C 27 -16.82 11.44 -4.35
C LEU C 27 -15.90 10.34 -4.86
N PRO C 28 -14.65 10.31 -4.39
CA PRO C 28 -13.78 9.19 -4.75
C PRO C 28 -14.32 7.87 -4.24
N PHE C 29 -13.99 6.79 -4.95
CA PHE C 29 -14.54 5.48 -4.62
C PHE C 29 -14.17 5.06 -3.20
N GLU C 30 -12.93 5.35 -2.78
CA GLU C 30 -12.49 4.93 -1.46
C GLU C 30 -13.23 5.66 -0.34
N GLU C 31 -13.74 6.86 -0.60
CA GLU C 31 -14.54 7.54 0.42
C GLU C 31 -15.95 6.97 0.51
N LEU C 32 -16.53 6.57 -0.63
CA LEU C 32 -17.87 6.01 -0.61
C LEU C 32 -17.89 4.59 -0.05
N HIS C 33 -16.85 3.81 -0.35
CA HIS C 33 -16.76 2.41 0.08
C HIS C 33 -15.37 2.21 0.68
N PRO C 34 -15.20 2.55 1.96
CA PRO C 34 -13.86 2.54 2.57
C PRO C 34 -13.34 1.12 2.79
N ARG C 35 -12.21 0.82 2.17
CA ARG C 35 -11.50 -0.43 2.37
C ARG C 35 -10.01 -0.12 2.44
N ARG C 36 -9.20 -1.17 2.61
CA ARG C 36 -7.74 -1.02 2.63
C ARG C 36 -7.18 -1.15 1.21
N TYR C 37 -7.57 -0.21 0.36
CA TYR C 37 -7.15 -0.24 -1.03
C TYR C 37 -5.66 0.10 -1.16
N PRO C 38 -5.02 -0.38 -2.22
CA PRO C 38 -3.68 0.13 -2.54
C PRO C 38 -3.74 1.62 -2.83
N GLU C 39 -2.67 2.32 -2.47
CA GLU C 39 -2.68 3.78 -2.49
C GLU C 39 -3.08 4.32 -3.86
N ASN C 40 -4.08 5.20 -3.86
CA ASN C 40 -4.55 5.94 -5.02
C ASN C 40 -5.14 5.05 -6.12
N THR C 41 -5.38 3.77 -5.84
CA THR C 41 -6.04 2.91 -6.80
C THR C 41 -7.57 2.99 -6.74
N ALA C 42 -8.13 3.59 -5.69
CA ALA C 42 -9.57 3.74 -5.55
C ALA C 42 -9.97 5.21 -5.44
N THR C 43 -9.12 6.13 -5.90
CA THR C 43 -9.43 7.55 -5.83
C THR C 43 -10.27 8.04 -7.00
N PHE C 44 -10.62 7.16 -7.94
CA PHE C 44 -11.40 7.58 -9.10
C PHE C 44 -12.78 8.05 -8.67
N LEU C 45 -13.28 9.08 -9.35
CA LEU C 45 -14.55 9.69 -8.97
C LEU C 45 -15.72 8.79 -9.35
N THR C 46 -16.75 8.77 -8.51
CA THR C 46 -17.95 8.00 -8.74
C THR C 46 -19.08 8.63 -7.93
N ARG C 47 -20.24 7.95 -7.92
CA ARG C 47 -21.38 8.38 -7.14
C ARG C 47 -22.09 7.15 -6.58
N LEU C 48 -22.85 7.36 -5.52
CA LEU C 48 -23.62 6.28 -4.93
C LEU C 48 -24.76 5.89 -5.85
N ARG C 49 -24.98 4.59 -5.99
CA ARG C 49 -26.05 4.08 -6.85
C ARG C 49 -27.41 4.45 -6.27
N SER C 50 -28.29 4.96 -7.13
CA SER C 50 -29.62 5.41 -6.71
C SER C 50 -30.70 4.37 -6.94
N LEU C 51 -30.85 3.92 -8.18
CA LEU C 51 -31.80 2.88 -8.56
C LEU C 51 -31.15 1.51 -8.42
N PRO C 52 -31.96 0.45 -8.28
CA PRO C 52 -31.38 -0.90 -8.31
C PRO C 52 -30.83 -1.25 -9.69
N SER C 53 -30.33 -2.46 -9.86
CA SER C 53 -29.75 -2.86 -11.14
C SER C 53 -30.78 -2.76 -12.26
N ASN C 54 -30.38 -2.17 -13.37
CA ASN C 54 -31.19 -2.12 -14.58
C ASN C 54 -30.99 -3.33 -15.46
N HIS C 55 -30.13 -4.27 -15.06
CA HIS C 55 -29.85 -5.50 -15.80
C HIS C 55 -29.32 -5.19 -17.20
N LEU C 56 -28.21 -4.45 -17.23
CA LEU C 56 -27.56 -4.11 -18.47
C LEU C 56 -27.00 -5.37 -19.15
N PRO C 57 -27.00 -5.42 -20.48
CA PRO C 57 -26.39 -6.56 -21.16
C PRO C 57 -24.90 -6.63 -20.89
N GLN C 58 -24.36 -7.84 -20.99
CA GLN C 58 -22.94 -8.03 -20.80
C GLN C 58 -22.15 -7.23 -21.85
N PRO C 59 -21.08 -6.55 -21.46
CA PRO C 59 -20.24 -5.89 -22.46
C PRO C 59 -19.66 -6.92 -23.43
N THR C 60 -19.60 -6.54 -24.71
CA THR C 60 -19.04 -7.43 -25.71
C THR C 60 -17.58 -7.72 -25.41
N LEU C 61 -16.81 -6.69 -25.05
CA LEU C 61 -15.42 -6.87 -24.63
C LEU C 61 -15.44 -7.25 -23.15
N ASN C 62 -15.55 -8.55 -22.89
CA ASN C 62 -15.80 -9.06 -21.55
C ASN C 62 -14.62 -9.84 -20.98
N CYS C 63 -13.42 -9.68 -21.53
CA CYS C 63 -12.30 -10.50 -21.08
C CYS C 63 -11.90 -10.19 -19.64
N LEU C 64 -12.19 -8.99 -19.14
CA LEU C 64 -11.93 -8.71 -17.73
C LEU C 64 -12.85 -9.54 -16.84
N LEU C 65 -14.14 -9.61 -17.18
CA LEU C 65 -15.06 -10.45 -16.42
C LEU C 65 -14.69 -11.92 -16.55
N SER C 66 -14.27 -12.34 -17.75
CA SER C 66 -13.89 -13.74 -17.95
C SER C 66 -12.69 -14.10 -17.09
N ALA C 67 -11.68 -13.22 -17.03
CA ALA C 67 -10.51 -13.49 -16.21
C ALA C 67 -10.86 -13.57 -14.73
N VAL C 68 -11.69 -12.63 -14.25
CA VAL C 68 -12.12 -12.68 -12.86
C VAL C 68 -12.96 -13.92 -12.60
N SER C 69 -13.84 -14.26 -13.55
CA SER C 69 -14.67 -15.46 -13.39
C SER C 69 -13.81 -16.72 -13.30
N ASP C 70 -12.78 -16.81 -14.14
CA ASP C 70 -11.91 -17.98 -14.10
C ASP C 70 -11.23 -18.13 -12.75
N GLN C 71 -10.74 -17.01 -12.20
CA GLN C 71 -9.99 -17.07 -10.94
C GLN C 71 -10.92 -17.27 -9.74
N THR C 72 -12.07 -16.60 -9.72
CA THR C 72 -12.93 -16.62 -8.54
C THR C 72 -14.01 -17.69 -8.60
N LYS C 73 -14.16 -18.39 -9.73
CA LYS C 73 -15.21 -19.39 -9.91
C LYS C 73 -16.61 -18.80 -9.72
N VAL C 74 -16.77 -17.52 -10.08
CA VAL C 74 -18.05 -16.82 -10.02
C VAL C 74 -18.46 -16.50 -11.45
N SER C 75 -19.72 -16.79 -11.79
CA SER C 75 -20.19 -16.61 -13.15
C SER C 75 -20.11 -15.14 -13.55
N GLU C 76 -19.87 -14.91 -14.84
CA GLU C 76 -19.74 -13.55 -15.35
C GLU C 76 -21.04 -12.76 -15.16
N GLU C 77 -22.19 -13.44 -15.23
CA GLU C 77 -23.47 -12.76 -14.99
C GLU C 77 -23.55 -12.23 -13.57
N HIS C 78 -23.12 -13.02 -12.59
CA HIS C 78 -23.19 -12.58 -11.20
C HIS C 78 -22.19 -11.47 -10.92
N LEU C 79 -21.00 -11.54 -11.53
CA LEU C 79 -20.03 -10.46 -11.41
C LEU C 79 -20.59 -9.17 -11.99
N TRP C 80 -21.19 -9.24 -13.18
CA TRP C 80 -21.72 -8.05 -13.83
C TRP C 80 -22.92 -7.49 -13.10
N GLU C 81 -23.78 -8.36 -12.56
CA GLU C 81 -24.91 -7.90 -11.77
C GLU C 81 -24.46 -7.21 -10.50
N SER C 82 -23.41 -7.75 -9.86
CA SER C 82 -22.89 -7.12 -8.65
C SER C 82 -22.33 -5.73 -8.94
N LEU C 83 -21.74 -5.53 -10.11
CA LEU C 83 -21.27 -4.19 -10.48
C LEU C 83 -22.42 -3.21 -10.61
N GLN C 84 -23.56 -3.68 -11.12
CA GLN C 84 -24.73 -2.82 -11.30
C GLN C 84 -25.40 -2.46 -9.97
N THR C 85 -25.01 -3.08 -8.86
CA THR C 85 -25.49 -2.65 -7.56
C THR C 85 -24.60 -1.58 -6.92
N ILE C 86 -23.35 -1.47 -7.37
CA ILE C 86 -22.39 -0.59 -6.72
C ILE C 86 -22.07 0.65 -7.57
N LEU C 87 -22.07 0.54 -8.90
CA LEU C 87 -21.74 1.65 -9.76
C LEU C 87 -22.95 2.10 -10.58
N PRO C 88 -23.07 3.40 -10.84
CA PRO C 88 -24.15 3.87 -11.71
C PRO C 88 -23.95 3.40 -13.15
N ASP C 89 -25.06 3.39 -13.90
CA ASP C 89 -25.04 2.87 -15.27
C ASP C 89 -24.05 3.64 -16.15
N SER C 90 -23.88 4.94 -15.90
CA SER C 90 -22.98 5.73 -16.74
C SER C 90 -21.52 5.30 -16.62
N GLN C 91 -21.16 4.55 -15.58
CA GLN C 91 -19.82 4.02 -15.43
C GLN C 91 -19.74 2.54 -15.78
N LEU C 92 -20.81 1.96 -16.30
CA LEU C 92 -20.85 0.55 -16.67
C LEU C 92 -20.99 0.32 -18.17
N SER C 93 -21.76 1.15 -18.87
CA SER C 93 -21.91 1.05 -20.32
C SER C 93 -21.83 2.45 -20.89
N ASN C 94 -20.74 2.75 -21.57
CA ASN C 94 -20.51 4.07 -22.15
C ASN C 94 -19.64 3.91 -23.39
N GLU C 95 -19.09 5.02 -23.89
CA GLU C 95 -18.26 4.95 -25.08
C GLU C 95 -17.01 4.12 -24.85
N GLU C 96 -16.35 4.25 -23.71
CA GLU C 96 -15.13 3.44 -23.43
C GLU C 96 -15.49 1.96 -23.30
N THR C 97 -16.56 1.65 -22.59
CA THR C 97 -16.97 0.25 -22.37
C THR C 97 -17.27 -0.45 -23.70
N ASN C 98 -17.99 0.20 -24.61
CA ASN C 98 -18.37 -0.46 -25.86
C ASN C 98 -17.21 -0.56 -26.84
N THR C 99 -16.24 0.35 -26.76
CA THR C 99 -15.13 0.38 -27.72
C THR C 99 -13.85 -0.25 -27.18
N LEU C 100 -13.57 -0.08 -25.89
CA LEU C 100 -12.34 -0.60 -25.29
C LEU C 100 -12.56 -1.71 -24.28
N GLY C 101 -13.68 -1.70 -23.57
CA GLY C 101 -13.98 -2.70 -22.57
C GLY C 101 -13.88 -2.14 -21.17
N LEU C 102 -13.89 -3.05 -20.20
CA LEU C 102 -13.86 -2.66 -18.80
C LEU C 102 -12.43 -2.32 -18.37
N SER C 103 -12.35 -1.60 -17.26
CA SER C 103 -11.09 -1.07 -16.74
C SER C 103 -10.75 -1.72 -15.41
N THR C 104 -9.51 -1.48 -14.96
CA THR C 104 -9.10 -1.93 -13.63
C THR C 104 -9.90 -1.26 -12.52
N GLU C 105 -10.55 -0.12 -12.82
CA GLU C 105 -11.46 0.47 -11.85
C GLU C 105 -12.63 -0.46 -11.58
N HIS C 106 -13.17 -1.11 -12.62
CA HIS C 106 -14.18 -2.13 -12.42
C HIS C 106 -13.62 -3.30 -11.62
N LEU C 107 -12.34 -3.63 -11.82
CA LEU C 107 -11.70 -4.67 -11.02
C LEU C 107 -11.67 -4.28 -9.54
N THR C 108 -11.36 -3.00 -9.25
CA THR C 108 -11.37 -2.55 -7.86
C THR C 108 -12.77 -2.65 -7.26
N ALA C 109 -13.80 -2.27 -8.02
CA ALA C 109 -15.16 -2.40 -7.53
C ALA C 109 -15.53 -3.86 -7.31
N LEU C 110 -15.16 -4.74 -8.24
CA LEU C 110 -15.39 -6.17 -8.06
C LEU C 110 -14.61 -6.70 -6.86
N ALA C 111 -13.38 -6.23 -6.68
CA ALA C 111 -12.56 -6.70 -5.57
C ALA C 111 -13.19 -6.32 -4.23
N HIS C 112 -13.74 -5.12 -4.13
CA HIS C 112 -14.49 -4.74 -2.94
C HIS C 112 -15.72 -5.63 -2.76
N LEU C 113 -16.44 -5.88 -3.85
CA LEU C 113 -17.68 -6.64 -3.77
C LEU C 113 -17.42 -8.08 -3.33
N TYR C 114 -16.37 -8.70 -3.85
CA TYR C 114 -16.11 -10.12 -3.61
C TYR C 114 -14.92 -10.37 -2.69
N ASN C 115 -14.38 -9.33 -2.08
CA ASN C 115 -13.38 -9.45 -1.01
C ASN C 115 -12.16 -10.24 -1.47
N PHE C 116 -11.48 -9.70 -2.47
CA PHE C 116 -10.22 -10.26 -2.94
C PHE C 116 -9.28 -9.13 -3.33
N GLN C 117 -7.99 -9.47 -3.44
CA GLN C 117 -7.00 -8.58 -4.00
C GLN C 117 -6.43 -9.21 -5.26
N ALA C 118 -6.38 -8.42 -6.33
CA ALA C 118 -5.94 -8.90 -7.64
C ALA C 118 -4.54 -8.38 -7.93
N THR C 119 -3.69 -9.26 -8.45
CA THR C 119 -2.38 -8.89 -8.94
C THR C 119 -2.43 -8.90 -10.47
N VAL C 120 -2.11 -7.78 -11.09
CA VAL C 120 -2.19 -7.63 -12.53
C VAL C 120 -0.75 -7.58 -13.07
N TYR C 121 -0.38 -8.63 -13.81
CA TYR C 121 0.96 -8.72 -14.41
C TYR C 121 0.92 -8.02 -15.75
N SER C 122 1.14 -6.71 -15.74
CA SER C 122 1.15 -5.93 -16.96
C SER C 122 2.46 -6.14 -17.72
N ASP C 123 2.56 -5.52 -18.90
CA ASP C 123 3.77 -5.65 -19.70
C ASP C 123 4.98 -4.98 -19.05
N ARG C 124 4.76 -4.14 -18.04
CA ARG C 124 5.86 -3.44 -17.38
C ARG C 124 6.09 -3.87 -15.94
N GLY C 125 5.26 -4.78 -15.41
CA GLY C 125 5.44 -5.27 -14.06
C GLY C 125 4.13 -5.50 -13.34
N PRO C 126 4.20 -6.23 -12.22
CA PRO C 126 2.97 -6.50 -11.45
C PRO C 126 2.46 -5.26 -10.76
N ILE C 127 1.13 -5.19 -10.63
CA ILE C 127 0.45 -4.15 -9.88
C ILE C 127 -0.69 -4.78 -9.09
N LEU C 128 -1.15 -4.06 -8.07
CA LEU C 128 -2.15 -4.57 -7.15
C LEU C 128 -3.42 -3.73 -7.21
N PHE C 129 -4.56 -4.40 -7.17
CA PHE C 129 -5.87 -3.75 -7.08
C PHE C 129 -6.75 -4.53 -6.11
N GLY C 130 -7.48 -3.81 -5.26
CA GLY C 130 -8.40 -4.43 -4.35
C GLY C 130 -7.97 -4.36 -2.90
N PRO C 131 -8.93 -4.47 -1.98
CA PRO C 131 -8.62 -4.34 -0.56
C PRO C 131 -7.62 -5.40 -0.10
N SER C 132 -6.70 -4.99 0.77
CA SER C 132 -5.72 -5.91 1.33
C SER C 132 -6.23 -6.64 2.57
N ASP C 133 -7.34 -6.19 3.16
CA ASP C 133 -7.91 -6.87 4.33
C ASP C 133 -8.79 -8.02 3.86
N THR C 134 -8.24 -8.89 3.02
CA THR C 134 -8.99 -9.98 2.39
C THR C 134 -8.12 -11.22 2.37
N ILE C 135 -8.74 -12.36 2.06
CA ILE C 135 -8.07 -13.65 2.01
C ILE C 135 -7.86 -14.11 0.58
N LYS C 136 -8.89 -14.03 -0.25
CA LYS C 136 -8.80 -14.51 -1.62
C LYS C 136 -7.83 -13.66 -2.43
N ARG C 137 -6.99 -14.34 -3.21
CA ARG C 137 -6.03 -13.68 -4.09
C ARG C 137 -6.16 -14.26 -5.50
N ILE C 138 -6.13 -13.38 -6.50
CA ILE C 138 -6.25 -13.80 -7.89
C ILE C 138 -5.16 -13.14 -8.71
N ASP C 139 -4.91 -13.71 -9.89
CA ASP C 139 -3.88 -13.25 -10.81
C ASP C 139 -4.50 -12.94 -12.16
N ILE C 140 -4.19 -11.76 -12.69
CA ILE C 140 -4.67 -11.30 -13.99
C ILE C 140 -3.46 -10.86 -14.80
N THR C 141 -3.44 -11.23 -16.07
CA THR C 141 -2.38 -10.82 -16.99
C THR C 141 -2.93 -9.79 -17.97
N HIS C 142 -2.21 -8.68 -18.12
CA HIS C 142 -2.60 -7.60 -19.02
C HIS C 142 -1.54 -7.39 -20.09
N THR C 143 -1.98 -7.23 -21.32
CA THR C 143 -1.11 -6.90 -22.45
C THR C 143 -1.55 -5.56 -23.02
N THR C 144 -0.56 -4.70 -23.33
CA THR C 144 -0.89 -3.42 -23.94
C THR C 144 -1.47 -3.60 -25.33
N GLY C 145 -0.97 -4.58 -26.09
CA GLY C 145 -1.47 -4.86 -27.41
C GLY C 145 -0.76 -4.06 -28.48
N PRO C 146 -1.50 -3.21 -29.20
CA PRO C 146 -2.95 -2.98 -29.11
C PRO C 146 -3.76 -4.02 -29.90
N PRO C 147 -5.03 -4.26 -29.54
CA PRO C 147 -5.75 -3.69 -28.41
C PRO C 147 -5.41 -4.42 -27.11
N SER C 148 -5.67 -3.80 -25.96
CA SER C 148 -5.34 -4.42 -24.69
C SER C 148 -6.27 -5.59 -24.39
N HIS C 149 -5.74 -6.58 -23.67
CA HIS C 149 -6.48 -7.77 -23.32
C HIS C 149 -6.15 -8.20 -21.90
N PHE C 150 -7.17 -8.65 -21.17
CA PHE C 150 -7.01 -9.25 -19.86
C PHE C 150 -7.16 -10.76 -19.97
N SER C 151 -6.28 -11.49 -19.29
CA SER C 151 -6.35 -12.94 -19.26
C SER C 151 -6.06 -13.42 -17.84
N PRO C 152 -6.65 -14.54 -17.43
CA PRO C 152 -6.34 -15.09 -16.12
C PRO C 152 -4.96 -15.71 -16.06
N GLY C 153 -4.47 -15.88 -14.85
CA GLY C 153 -3.15 -16.45 -14.65
C GLY C 153 -2.05 -15.42 -14.75
N LYS C 154 -0.81 -15.91 -14.72
CA LYS C 154 0.35 -15.04 -14.74
C LYS C 154 1.27 -15.37 -15.91
N MET D 28 7.78 -27.83 -2.72
CA MET D 28 6.92 -26.82 -3.36
C MET D 28 7.69 -25.55 -3.65
N GLN D 29 6.97 -24.49 -4.01
CA GLN D 29 7.57 -23.21 -4.34
C GLN D 29 6.59 -22.10 -4.01
N ILE D 30 7.08 -21.05 -3.35
CA ILE D 30 6.24 -19.95 -2.90
C ILE D 30 6.84 -18.63 -3.36
N LEU D 31 6.00 -17.60 -3.35
CA LEU D 31 6.40 -16.23 -3.70
C LEU D 31 6.33 -15.35 -2.46
N VAL D 32 7.24 -14.40 -2.37
CA VAL D 32 7.28 -13.42 -1.29
C VAL D 32 7.27 -12.03 -1.89
N ARG D 33 6.27 -11.22 -1.52
CA ARG D 33 6.13 -9.87 -2.05
C ARG D 33 6.87 -8.90 -1.14
N THR D 34 7.97 -8.34 -1.64
CA THR D 34 8.82 -7.45 -0.87
C THR D 34 8.18 -6.07 -0.74
N PRO D 35 8.49 -5.33 0.33
CA PRO D 35 7.92 -3.99 0.51
C PRO D 35 8.72 -2.87 -0.15
N PHE D 36 9.67 -3.18 -1.03
CA PHE D 36 10.50 -2.14 -1.63
C PHE D 36 9.74 -1.44 -2.75
N VAL D 37 9.91 -0.12 -2.82
CA VAL D 37 9.25 0.72 -3.80
C VAL D 37 10.28 1.20 -4.82
N GLN D 38 9.81 1.49 -6.02
CA GLN D 38 10.66 1.92 -7.12
C GLN D 38 10.37 3.38 -7.45
N PHE D 39 11.44 4.17 -7.59
CA PHE D 39 11.35 5.58 -7.93
C PHE D 39 12.00 5.85 -9.27
N ILE D 40 11.43 6.78 -10.03
CA ILE D 40 11.98 7.23 -11.30
C ILE D 40 12.19 8.73 -11.22
N THR D 41 13.39 9.18 -11.58
CA THR D 41 13.74 10.60 -11.52
C THR D 41 13.44 11.25 -12.87
N LEU D 42 12.75 12.39 -12.82
CA LEU D 42 12.44 13.16 -14.02
C LEU D 42 12.90 14.59 -13.86
N GLU D 43 13.45 15.16 -14.94
CA GLU D 43 13.81 16.56 -14.99
C GLU D 43 12.70 17.31 -15.73
N VAL D 44 12.03 18.21 -15.02
CA VAL D 44 10.87 18.91 -15.54
C VAL D 44 11.02 20.41 -15.24
N GLU D 45 10.21 21.21 -15.92
CA GLU D 45 10.12 22.63 -15.72
C GLU D 45 8.78 23.01 -15.09
N PRO D 46 8.71 24.11 -14.34
CA PRO D 46 7.44 24.47 -13.69
C PRO D 46 6.29 24.67 -14.65
N SER D 47 6.57 25.05 -15.90
CA SER D 47 5.53 25.31 -16.88
C SER D 47 5.16 24.07 -17.70
N ASP D 48 5.77 22.92 -17.45
CA ASP D 48 5.42 21.72 -18.17
C ASP D 48 4.01 21.26 -17.79
N THR D 49 3.25 20.83 -18.80
CA THR D 49 1.92 20.30 -18.56
C THR D 49 1.99 18.84 -18.11
N ILE D 50 0.88 18.37 -17.55
CA ILE D 50 0.80 16.99 -17.08
C ILE D 50 1.02 16.01 -18.25
N GLU D 51 0.43 16.32 -19.41
CA GLU D 51 0.64 15.49 -20.58
C GLU D 51 2.11 15.39 -20.94
N ASN D 52 2.84 16.51 -20.81
CA ASN D 52 4.28 16.47 -21.06
C ASN D 52 4.98 15.58 -20.04
N VAL D 53 4.55 15.63 -18.78
CA VAL D 53 5.14 14.78 -17.75
C VAL D 53 4.88 13.31 -18.07
N LYS D 54 3.65 12.98 -18.49
CA LYS D 54 3.36 11.59 -18.88
C LYS D 54 4.23 11.16 -20.05
N ALA D 55 4.47 12.03 -21.00
CA ALA D 55 5.24 11.57 -22.17
C ALA D 55 6.69 11.34 -21.77
N LYS D 56 7.12 11.96 -20.68
CA LYS D 56 8.50 11.75 -20.19
C LYS D 56 8.60 10.37 -19.53
N ILE D 57 7.52 9.90 -18.91
CA ILE D 57 7.52 8.57 -18.25
C ILE D 57 7.41 7.50 -19.33
N GLN D 58 6.81 7.84 -20.47
CA GLN D 58 6.71 6.87 -21.59
C GLN D 58 8.11 6.63 -22.18
N GLU D 59 8.89 7.68 -22.29
CA GLU D 59 10.22 7.57 -22.90
C GLU D 59 11.15 6.86 -21.92
N LYS D 60 10.89 7.02 -20.64
CA LYS D 60 11.78 6.42 -19.61
C LYS D 60 11.37 4.99 -19.29
N GLU D 61 10.07 4.72 -19.09
CA GLU D 61 9.67 3.38 -18.62
C GLU D 61 8.85 2.60 -19.65
N GLY D 62 8.27 3.25 -20.66
CA GLY D 62 7.56 2.52 -21.71
C GLY D 62 6.09 2.37 -21.41
N ILE D 63 5.56 3.25 -20.58
CA ILE D 63 4.15 3.21 -20.20
C ILE D 63 3.38 4.21 -21.04
N PRO D 64 2.35 3.78 -21.78
CA PRO D 64 1.55 4.73 -22.55
C PRO D 64 0.86 5.74 -21.66
N PRO D 65 0.72 6.99 -22.10
CA PRO D 65 0.02 7.98 -21.28
C PRO D 65 -1.45 7.65 -21.02
N ASP D 66 -2.06 6.78 -21.84
CA ASP D 66 -3.46 6.42 -21.64
C ASP D 66 -3.66 5.79 -20.28
N GLN D 67 -2.75 4.90 -19.88
CA GLN D 67 -2.87 4.15 -18.64
C GLN D 67 -2.08 4.77 -17.49
N GLN D 68 -1.77 6.06 -17.59
CA GLN D 68 -1.04 6.77 -16.55
C GLN D 68 -1.98 7.68 -15.77
N ARG D 69 -1.95 7.58 -14.44
CA ARG D 69 -2.68 8.48 -13.56
C ARG D 69 -1.74 8.96 -12.47
N LEU D 70 -1.44 10.26 -12.47
CA LEU D 70 -0.51 10.86 -11.53
C LEU D 70 -1.28 11.54 -10.41
N ILE D 71 -0.87 11.28 -9.18
CA ILE D 71 -1.50 11.86 -7.99
C ILE D 71 -0.44 12.59 -7.18
N PHE D 72 -0.70 13.85 -6.85
CA PHE D 72 0.12 14.62 -5.93
C PHE D 72 -0.78 15.27 -4.91
N ALA D 73 -0.41 15.16 -3.63
CA ALA D 73 -1.17 15.73 -2.52
C ALA D 73 -2.60 15.17 -2.49
N GLY D 74 -2.74 13.88 -2.76
CA GLY D 74 -4.01 13.20 -2.65
C GLY D 74 -5.02 13.49 -3.74
N LYS D 75 -4.79 14.49 -4.58
CA LYS D 75 -5.71 14.84 -5.65
C LYS D 75 -5.16 14.36 -6.99
N GLN D 76 -6.01 13.70 -7.77
CA GLN D 76 -5.60 13.23 -9.08
C GLN D 76 -5.38 14.40 -10.02
N LEU D 77 -4.18 14.49 -10.59
CA LEU D 77 -3.80 15.65 -11.39
C LEU D 77 -4.45 15.59 -12.77
N GLU D 78 -4.85 16.75 -13.29
CA GLU D 78 -5.54 16.84 -14.57
C GLU D 78 -4.53 17.05 -15.69
N ASP D 79 -4.83 16.47 -16.86
CA ASP D 79 -3.89 16.48 -17.97
C ASP D 79 -3.64 17.89 -18.51
N GLY D 80 -4.64 18.76 -18.44
CA GLY D 80 -4.52 20.08 -19.03
C GLY D 80 -3.97 21.14 -18.10
N ARG D 81 -3.33 20.73 -17.02
CA ARG D 81 -2.77 21.65 -16.04
C ARG D 81 -1.26 21.47 -15.96
N THR D 82 -0.59 22.50 -15.47
CA THR D 82 0.86 22.51 -15.34
C THR D 82 1.28 22.15 -13.92
N LEU D 83 2.58 21.89 -13.75
CA LEU D 83 3.10 21.57 -12.43
C LEU D 83 3.00 22.76 -11.49
N SER D 84 3.12 23.98 -12.00
CA SER D 84 2.96 25.16 -11.16
C SER D 84 1.54 25.28 -10.63
N ASP D 85 0.54 24.84 -11.40
CA ASP D 85 -0.84 24.91 -10.93
C ASP D 85 -1.06 24.08 -9.68
N TYR D 86 -0.31 22.98 -9.52
CA TYR D 86 -0.41 22.12 -8.36
C TYR D 86 0.64 22.43 -7.31
N ASN D 87 1.39 23.53 -7.48
CA ASN D 87 2.43 23.95 -6.54
C ASN D 87 3.46 22.83 -6.31
N ILE D 88 3.89 22.21 -7.39
CA ILE D 88 4.86 21.12 -7.33
C ILE D 88 6.25 21.72 -7.36
N GLN D 89 6.91 21.73 -6.21
CA GLN D 89 8.24 22.32 -6.09
C GLN D 89 9.30 21.32 -6.55
N LYS D 90 10.57 21.71 -6.39
CA LYS D 90 11.67 20.81 -6.66
C LYS D 90 11.71 19.68 -5.64
N GLU D 91 12.15 18.51 -6.09
CA GLU D 91 12.28 17.30 -5.27
C GLU D 91 10.94 16.80 -4.74
N SER D 92 9.83 17.34 -5.22
CA SER D 92 8.53 16.81 -4.83
C SER D 92 8.32 15.43 -5.42
N THR D 93 7.55 14.61 -4.72
CA THR D 93 7.31 13.22 -5.10
C THR D 93 5.88 13.07 -5.60
N LEU D 94 5.73 12.51 -6.79
CA LEU D 94 4.43 12.21 -7.38
C LEU D 94 4.23 10.71 -7.39
N HIS D 95 2.98 10.28 -7.25
CA HIS D 95 2.64 8.86 -7.27
C HIS D 95 2.01 8.51 -8.62
N LEU D 96 2.51 7.44 -9.23
CA LEU D 96 2.00 6.95 -10.50
C LEU D 96 1.10 5.75 -10.26
N VAL D 97 -0.10 5.79 -10.86
CA VAL D 97 -1.08 4.72 -10.75
C VAL D 97 -1.48 4.30 -12.15
N LEU D 98 -1.53 2.98 -12.38
CA LEU D 98 -1.84 2.45 -13.70
C LEU D 98 -3.33 2.15 -13.79
N ARG D 99 -3.97 2.68 -14.83
CA ARG D 99 -5.38 2.44 -15.11
C ARG D 99 -5.44 1.63 -16.40
N LEU D 100 -5.50 0.31 -16.26
CA LEU D 100 -5.45 -0.60 -17.44
C LEU D 100 -6.86 -0.96 -17.88
N ARG D 101 -7.06 -0.99 -19.20
CA ARG D 101 -8.38 -1.34 -19.75
C ARG D 101 -8.16 -2.44 -20.77
N GLY D 102 -9.19 -2.67 -21.58
CA GLY D 102 -9.08 -3.70 -22.60
C GLY D 102 -10.10 -4.79 -22.38
CA 3CN D 103 -10.24 -8.24 -23.76
CB 3CN D 103 -11.54 -7.53 -24.08
CC 3CN D 103 -11.74 -6.35 -23.16
ND 3CN D 103 -10.73 -5.32 -23.42
#